data_6AZP
#
_entry.id   6AZP
#
_cell.length_a   128.854
_cell.length_b   92.876
_cell.length_c   80.460
_cell.angle_alpha   90.000
_cell.angle_beta   119.910
_cell.angle_gamma   90.000
#
_symmetry.space_group_name_H-M   'C 1 2 1'
#
loop_
_entity.id
_entity.type
_entity.pdbx_description
1 polymer Myeloperoxidase
2 polymer 'Staphylococcal Peroxidase Inhibitor'
3 branched 2-acetamido-2-deoxy-beta-D-glucopyranose-(1-4)-2-acetamido-2-deoxy-beta-D-glucopyranose
4 non-polymer 2-acetamido-2-deoxy-beta-D-glucopyranose
5 non-polymer beta-D-mannopyranose
6 non-polymer 'CALCIUM ION'
7 water water
#
loop_
_entity_poly.entity_id
_entity_poly.type
_entity_poly.pdbx_seq_one_letter_code
_entity_poly.pdbx_strand_id
1 'polypeptide(L)'
;CPEQDKYRTITGMCNNRRSPTLGASNRAFVRWLPAEYEDGFSLPYGWTPGVKRNGFPVALARAVSNEIVRFPTDQLTPDQ
ERSLMFMQWGQLLDHDLDFTPEPAARASFVTGVNCETSCVQQPPCFPLKIPPNDPRIKNQADCIPFFRS(CSO)PACPGS
NITIRNQINALTSFVDASMVYGSEEPLARNLRNMSNQLGLLAVNQRFQDNGRALLPFDNLHDDPCLLTNRSARIPCFLAG
DTRSSEMPELTSMHTLLLREHNRLATELKSLNPRWDGERLYQEARKIVGAMVQIITYRDYLPLVLGPTAMRKYLPTYRSY
NDSVDPRIANVFTNAFRYGHTLIQPFMFRLDNRYQPMEPNPRVPLSRVFFASWRVVLEGGIDPILRGLMATPAKLNRQNQ
IAVDEIRERLFEQVMRIGLDLPALNMQRSRDHGLPGYNAWRRFCGLPQPETVGQLGTVLRNLKLARKLMEQYGTPNNIDI
WMGGVSEPLKRKGRVGPLLACIIGTQFRKLRDGDRFWWENEGVFSMQQRQALAQISLPRIICDNTGITTVSKNNIFMSNS
YPRDFVNCSTLPALNLASWRE
;
A
2 'polypeptide(L)' ANFLEHELSYIDVLLDKNADQATKDNLRSYFADKGLHSIKDIINKAKQDGFDVSKYEHVK B
#
# COMPACT_ATOMS: atom_id res chain seq x y z
N CYS A 1 23.37 14.59 11.90
CA CYS A 1 21.97 14.94 11.61
C CYS A 1 21.41 16.10 12.45
N PRO A 2 20.95 17.17 11.77
CA PRO A 2 20.92 18.48 12.41
C PRO A 2 19.91 18.64 13.55
N GLU A 3 19.72 19.88 13.97
CA GLU A 3 18.66 20.22 14.92
C GLU A 3 18.10 21.60 14.60
N GLN A 4 17.75 21.81 13.33
CA GLN A 4 16.86 22.90 12.96
C GLN A 4 16.29 22.66 11.56
N ASP A 5 16.25 21.40 11.14
CA ASP A 5 15.73 21.00 9.84
C ASP A 5 14.33 21.57 9.65
N LYS A 6 13.84 21.62 8.41
CA LYS A 6 12.46 21.99 8.15
C LYS A 6 11.71 21.01 7.25
N TYR A 7 12.42 20.14 6.54
CA TYR A 7 11.76 19.09 5.78
C TYR A 7 12.15 17.74 6.33
N ARG A 8 11.25 16.79 6.11
CA ARG A 8 11.53 15.39 6.42
C ARG A 8 12.70 14.89 5.61
N THR A 9 13.44 13.98 6.20
CA THR A 9 14.31 13.09 5.43
C THR A 9 13.47 12.12 4.58
N ILE A 10 14.12 11.53 3.58
CA ILE A 10 13.45 10.51 2.76
C ILE A 10 13.27 9.21 3.56
N THR A 11 14.27 8.83 4.36
CA THR A 11 14.26 7.56 5.09
C THR A 11 13.52 7.63 6.41
N GLY A 12 13.16 8.82 6.89
CA GLY A 12 12.55 8.99 8.19
C GLY A 12 13.51 9.18 9.34
N MET A 13 14.81 8.94 9.10
CA MET A 13 15.85 9.28 10.05
C MET A 13 15.66 10.69 10.61
N CYS A 14 15.86 10.81 11.91
CA CYS A 14 15.93 12.10 12.63
C CYS A 14 14.59 12.77 12.85
N ASN A 15 13.49 12.05 12.66
CA ASN A 15 12.21 12.55 13.11
C ASN A 15 12.20 12.63 14.63
N ASN A 16 12.56 11.56 15.30
CA ASN A 16 12.73 11.57 16.74
C ASN A 16 14.19 11.87 17.05
N ARG A 17 14.46 13.10 17.48
CA ARG A 17 15.84 13.52 17.71
C ARG A 17 16.51 12.68 18.78
N ARG A 18 15.83 12.39 19.90
CA ARG A 18 16.42 11.57 20.96
C ARG A 18 16.79 10.18 20.47
N SER A 19 16.05 9.67 19.47
CA SER A 19 16.31 8.33 18.92
C SER A 19 16.04 8.43 17.43
N PRO A 20 17.06 8.81 16.64
CA PRO A 20 16.81 9.22 15.26
C PRO A 20 16.43 8.10 14.31
N THR A 21 16.57 6.83 14.70
CA THR A 21 16.13 5.74 13.84
C THR A 21 14.66 5.37 14.03
N LEU A 22 13.97 5.93 15.03
CA LEU A 22 12.57 5.55 15.23
C LEU A 22 11.77 5.94 13.99
N GLY A 23 11.04 4.97 13.45
CA GLY A 23 10.20 5.23 12.29
C GLY A 23 10.93 5.26 10.98
N ALA A 24 12.24 5.07 11.00
CA ALA A 24 13.05 5.08 9.78
C ALA A 24 12.90 3.75 9.04
N SER A 25 13.22 3.80 7.75
CA SER A 25 12.99 2.66 6.87
C SER A 25 14.08 1.60 7.00
N ASN A 26 13.71 0.38 6.60
CA ASN A 26 14.59 -0.79 6.57
C ASN A 26 15.10 -1.14 7.95
N ARG A 27 14.20 -1.06 8.94
CA ARG A 27 14.43 -1.49 10.31
C ARG A 27 13.35 -2.49 10.69
N ALA A 28 13.59 -3.24 11.77
CA ALA A 28 12.61 -4.19 12.27
C ALA A 28 11.33 -3.52 12.76
N PHE A 29 10.22 -4.25 12.64
CA PHE A 29 8.95 -3.81 13.21
C PHE A 29 9.07 -3.79 14.73
N VAL A 30 8.49 -2.78 15.36
CA VAL A 30 8.26 -2.89 16.78
C VAL A 30 7.31 -4.06 17.03
N ARG A 31 7.51 -4.75 18.15
CA ARG A 31 6.58 -5.77 18.63
C ARG A 31 5.80 -5.26 19.83
N TRP A 32 4.47 -5.26 19.70
CA TRP A 32 3.57 -4.92 20.81
C TRP A 32 3.31 -6.10 21.72
N LEU A 33 3.59 -7.31 21.26
CA LEU A 33 3.56 -8.52 22.08
C LEU A 33 4.68 -9.44 21.61
N PRO A 34 5.28 -10.23 22.49
CA PRO A 34 6.40 -11.08 22.05
C PRO A 34 5.94 -12.09 21.02
N ALA A 35 6.86 -12.42 20.10
CA ALA A 35 6.59 -13.36 19.01
C ALA A 35 6.22 -14.76 19.53
N GLU A 36 5.54 -15.50 18.66
CA GLU A 36 5.08 -16.86 18.99
C GLU A 36 5.42 -17.75 17.81
N TYR A 37 6.50 -18.51 17.98
CA TYR A 37 7.00 -19.42 16.98
C TYR A 37 6.94 -20.83 17.53
N GLU A 38 6.88 -21.76 16.59
CA GLU A 38 6.85 -23.17 16.93
C GLU A 38 7.97 -23.55 17.89
N ASP A 39 9.17 -23.01 17.68
CA ASP A 39 10.35 -23.34 18.48
C ASP A 39 10.81 -22.17 19.35
N GLY A 40 9.95 -21.18 19.58
CA GLY A 40 10.34 -20.07 20.41
C GLY A 40 11.29 -19.09 19.79
N PHE A 41 11.80 -19.36 18.56
CA PHE A 41 12.79 -18.48 17.94
C PHE A 41 12.46 -18.08 16.51
N SER A 42 12.02 -19.00 15.65
CA SER A 42 11.89 -18.64 14.23
C SER A 42 10.96 -19.52 13.40
N LEU A 43 10.70 -20.74 13.82
CA LEU A 43 9.88 -21.62 13.01
C LEU A 43 8.41 -21.25 13.15
N PRO A 44 7.70 -21.02 12.04
CA PRO A 44 6.28 -20.63 12.13
C PRO A 44 5.41 -21.83 12.45
N TYR A 45 4.37 -21.61 13.26
CA TYR A 45 3.39 -22.66 13.48
C TYR A 45 2.85 -23.15 12.15
N GLY A 46 2.67 -24.44 12.05
CA GLY A 46 2.39 -25.12 10.80
C GLY A 46 3.60 -25.77 10.18
N TRP A 47 4.81 -25.33 10.54
CA TRP A 47 6.03 -25.79 9.88
C TRP A 47 6.33 -27.28 10.09
N THR A 48 6.21 -27.78 11.33
CA THR A 48 6.59 -29.17 11.63
C THR A 48 5.35 -30.03 11.82
N PRO A 49 5.18 -31.11 11.07
CA PRO A 49 3.94 -31.89 11.20
C PRO A 49 3.76 -32.46 12.60
N GLY A 50 2.49 -32.54 13.03
CA GLY A 50 2.17 -33.08 14.34
C GLY A 50 2.55 -32.22 15.53
N VAL A 51 3.13 -31.04 15.31
CA VAL A 51 3.48 -30.14 16.40
C VAL A 51 2.32 -29.19 16.65
N LYS A 52 1.67 -29.35 17.77
CA LYS A 52 0.44 -28.63 18.03
C LYS A 52 0.75 -27.25 18.59
N ARG A 53 -0.18 -26.33 18.37
CA ARG A 53 -0.17 -25.03 19.02
C ARG A 53 -1.18 -25.12 20.16
N ASN A 54 -0.75 -24.80 21.38
CA ASN A 54 -1.58 -24.85 22.59
C ASN A 54 -2.50 -26.06 22.62
N GLY A 55 -1.94 -27.23 22.34
CA GLY A 55 -2.68 -28.47 22.45
C GLY A 55 -3.56 -28.82 21.26
N PHE A 56 -3.47 -28.08 20.14
CA PHE A 56 -4.37 -28.32 19.02
C PHE A 56 -3.58 -28.34 17.71
N PRO A 57 -3.95 -29.19 16.76
CA PRO A 57 -3.36 -29.10 15.42
C PRO A 57 -3.50 -27.70 14.85
N VAL A 58 -2.50 -27.31 14.07
CA VAL A 58 -2.53 -26.06 13.34
C VAL A 58 -3.38 -26.27 12.09
N ALA A 59 -4.35 -25.39 11.90
CA ALA A 59 -5.23 -25.46 10.74
C ALA A 59 -4.51 -24.94 9.50
N LEU A 60 -4.61 -25.70 8.40
CA LEU A 60 -4.13 -25.21 7.12
C LEU A 60 -4.82 -23.90 6.79
N ALA A 61 -4.04 -22.87 6.48
CA ALA A 61 -4.62 -21.57 6.15
C ALA A 61 -5.63 -21.68 5.02
N ARG A 62 -5.34 -22.54 4.04
CA ARG A 62 -6.24 -22.67 2.91
C ARG A 62 -7.54 -23.34 3.31
N ALA A 63 -7.47 -24.32 4.23
CA ALA A 63 -8.68 -24.92 4.76
C ALA A 63 -9.53 -23.90 5.52
N VAL A 64 -8.88 -23.03 6.29
CA VAL A 64 -9.66 -22.02 6.99
C VAL A 64 -10.33 -21.10 5.98
N SER A 65 -9.61 -20.77 4.92
CA SER A 65 -10.18 -19.92 3.90
C SER A 65 -11.36 -20.60 3.24
N ASN A 66 -11.19 -21.88 2.86
CA ASN A 66 -12.23 -22.64 2.19
C ASN A 66 -13.49 -22.73 3.02
N GLU A 67 -13.36 -23.04 4.31
CA GLU A 67 -14.54 -23.30 5.13
C GLU A 67 -15.15 -22.04 5.70
N ILE A 68 -14.41 -20.93 5.83
CA ILE A 68 -14.89 -19.76 6.54
C ILE A 68 -14.97 -18.53 5.65
N VAL A 69 -14.04 -18.37 4.71
CA VAL A 69 -14.02 -17.13 3.92
C VAL A 69 -14.86 -17.26 2.64
N ARG A 70 -14.96 -18.45 2.08
CA ARG A 70 -15.57 -18.67 0.78
C ARG A 70 -17.09 -18.43 0.82
N PHE A 71 -17.62 -17.76 -0.21
CA PHE A 71 -19.06 -17.57 -0.33
C PHE A 71 -19.41 -17.34 -1.79
N PRO A 72 -20.67 -17.56 -2.18
CA PRO A 72 -21.08 -17.31 -3.58
C PRO A 72 -20.93 -15.84 -3.90
N THR A 73 -20.10 -15.57 -4.89
CA THR A 73 -19.69 -14.21 -5.09
C THR A 73 -20.82 -13.35 -5.67
N ASP A 74 -21.72 -13.95 -6.45
CA ASP A 74 -22.84 -13.18 -6.99
C ASP A 74 -23.83 -12.78 -5.92
N GLN A 75 -23.66 -13.27 -4.68
CA GLN A 75 -24.51 -12.90 -3.56
C GLN A 75 -23.95 -11.74 -2.73
N LEU A 76 -22.77 -11.25 -3.09
CA LEU A 76 -22.11 -10.10 -2.42
C LEU A 76 -23.09 -8.99 -2.03
N THR A 77 -22.87 -8.40 -0.84
CA THR A 77 -23.77 -7.36 -0.31
C THR A 77 -23.15 -5.98 -0.54
N PRO A 78 -23.69 -5.14 -1.44
CA PRO A 78 -23.11 -3.81 -1.62
C PRO A 78 -23.19 -3.01 -0.32
N ASP A 79 -22.21 -2.16 -0.10
CA ASP A 79 -22.21 -1.31 1.09
C ASP A 79 -22.87 0.03 0.75
N GLN A 80 -24.00 0.29 1.38
CA GLN A 80 -24.78 1.49 1.07
C GLN A 80 -24.09 2.77 1.48
N GLU A 81 -23.12 2.71 2.39
CA GLU A 81 -22.55 3.91 2.98
C GLU A 81 -21.03 4.03 2.77
N ARG A 82 -20.41 3.22 1.90
CA ARG A 82 -19.02 3.41 1.48
C ARG A 82 -18.88 3.24 -0.03
N SER A 83 -17.94 3.99 -0.60
CA SER A 83 -17.54 3.84 -1.99
C SER A 83 -16.39 2.86 -2.13
N LEU A 84 -16.10 2.45 -3.36
CA LEU A 84 -14.94 1.59 -3.54
C LEU A 84 -13.66 2.36 -3.24
N MET A 85 -13.68 3.68 -3.42
CA MET A 85 -12.57 4.54 -3.09
C MET A 85 -12.17 4.41 -1.62
N PHE A 86 -13.10 3.97 -0.77
CA PHE A 86 -12.82 3.70 0.62
C PHE A 86 -11.90 2.50 0.76
N MET A 87 -12.09 1.51 -0.10
CA MET A 87 -11.16 0.39 -0.13
C MET A 87 -9.81 0.83 -0.70
N GLN A 88 -9.84 1.59 -1.78
CA GLN A 88 -8.60 1.92 -2.48
C GLN A 88 -7.70 2.84 -1.65
N TRP A 89 -8.31 3.70 -0.82
CA TRP A 89 -7.49 4.57 0.01
C TRP A 89 -6.78 3.78 1.09
N GLY A 90 -7.45 2.74 1.62
CA GLY A 90 -6.82 1.92 2.65
C GLY A 90 -5.61 1.16 2.12
N GLN A 91 -5.72 0.59 0.91
CA GLN A 91 -4.59 -0.04 0.24
C GLN A 91 -3.45 0.96 -0.01
N LEU A 92 -3.78 2.15 -0.51
CA LEU A 92 -2.75 3.14 -0.81
C LEU A 92 -2.10 3.68 0.46
N LEU A 93 -2.92 3.98 1.46
CA LEU A 93 -2.39 4.35 2.77
C LEU A 93 -1.43 3.31 3.32
N ASP A 94 -1.86 2.04 3.34
CA ASP A 94 -1.00 0.97 3.89
C ASP A 94 0.35 0.94 3.20
N HIS A 95 0.40 1.37 1.94
CA HIS A 95 1.66 1.42 1.20
C HIS A 95 2.46 2.70 1.49
N ASP A 96 1.97 3.55 2.38
CA ASP A 96 2.74 4.62 3.00
C ASP A 96 3.50 4.11 4.20
N LEU A 97 2.97 3.07 4.81
CA LEU A 97 3.29 2.68 6.18
C LEU A 97 4.21 1.49 6.28
N ASP A 98 4.04 0.47 5.44
CA ASP A 98 4.73 -0.79 5.67
C ASP A 98 4.81 -1.63 4.41
N PHE A 99 5.97 -2.25 4.25
CA PHE A 99 6.22 -3.17 3.18
C PHE A 99 7.23 -4.13 3.75
N THR A 100 6.97 -5.41 3.59
CA THR A 100 7.80 -6.43 4.22
C THR A 100 8.59 -7.18 3.16
N PRO A 101 9.89 -6.90 2.97
CA PRO A 101 10.66 -7.62 1.96
C PRO A 101 10.63 -9.11 2.18
N GLU A 102 10.60 -9.85 1.06
CA GLU A 102 10.80 -11.28 0.95
C GLU A 102 11.95 -11.54 -0.02
N PRO A 103 12.57 -12.70 0.01
CA PRO A 103 13.70 -12.94 -0.92
C PRO A 103 13.23 -13.21 -2.34
N ALA A 104 14.16 -12.94 -3.24
CA ALA A 104 13.96 -13.12 -4.66
C ALA A 104 14.01 -14.60 -5.04
N ALA A 105 13.19 -14.95 -6.03
CA ALA A 105 13.22 -16.31 -6.56
C ALA A 105 14.61 -16.67 -7.10
N ARG A 106 15.37 -15.69 -7.59
CA ARG A 106 16.70 -15.97 -8.12
C ARG A 106 17.75 -16.18 -7.06
N ALA A 107 17.49 -15.85 -5.79
CA ALA A 107 18.32 -16.35 -4.71
C ALA A 107 18.19 -17.86 -4.54
N SER A 108 17.29 -18.49 -5.30
CA SER A 108 17.12 -19.95 -5.26
C SER A 108 18.31 -20.67 -5.86
N PHE A 109 19.06 -19.98 -6.72
CA PHE A 109 20.11 -20.65 -7.48
C PHE A 109 21.15 -21.25 -6.55
N VAL A 110 21.60 -22.47 -6.90
CA VAL A 110 22.38 -23.39 -6.07
C VAL A 110 21.59 -23.80 -4.82
N THR A 111 21.23 -22.82 -3.99
CA THR A 111 20.72 -23.11 -2.64
C THR A 111 19.28 -23.58 -2.67
N GLY A 112 18.44 -23.04 -1.78
CA GLY A 112 17.07 -23.50 -1.64
C GLY A 112 16.25 -23.58 -2.90
N VAL A 113 15.01 -24.08 -2.77
CA VAL A 113 14.15 -24.26 -3.94
C VAL A 113 13.62 -22.91 -4.41
N ASN A 114 13.12 -22.91 -5.64
CA ASN A 114 12.33 -21.78 -6.12
C ASN A 114 10.97 -21.92 -5.49
N CYS A 115 10.68 -21.04 -4.52
CA CYS A 115 9.40 -21.10 -3.84
C CYS A 115 8.24 -20.93 -4.81
N GLU A 116 8.48 -20.39 -6.01
CA GLU A 116 7.41 -20.18 -6.99
C GLU A 116 6.99 -21.45 -7.71
N THR A 117 7.89 -22.42 -7.82
CA THR A 117 7.62 -23.64 -8.58
C THR A 117 7.58 -24.90 -7.73
N SER A 118 8.48 -25.04 -6.75
CA SER A 118 8.49 -26.21 -5.87
C SER A 118 7.50 -26.05 -4.71
N CYS A 119 7.03 -27.21 -4.23
CA CYS A 119 6.21 -27.28 -3.03
C CYS A 119 7.00 -27.82 -1.86
N VAL A 120 8.31 -27.98 -2.04
CA VAL A 120 9.20 -28.45 -1.00
C VAL A 120 9.32 -27.39 0.08
N GLN A 121 9.19 -27.82 1.33
CA GLN A 121 9.22 -26.89 2.45
C GLN A 121 10.65 -26.85 3.00
N GLN A 122 11.47 -26.01 2.40
CA GLN A 122 12.77 -25.70 2.98
C GLN A 122 13.08 -24.25 2.70
N PRO A 123 13.98 -23.65 3.48
CA PRO A 123 14.16 -22.18 3.43
C PRO A 123 14.51 -21.71 2.04
N PRO A 124 14.01 -20.53 1.62
CA PRO A 124 13.17 -19.62 2.41
C PRO A 124 11.65 -19.82 2.22
N CYS A 125 11.23 -21.01 1.78
CA CYS A 125 9.82 -21.24 1.39
C CYS A 125 9.00 -21.76 2.55
N PHE A 126 7.74 -21.34 2.62
CA PHE A 126 6.77 -21.87 3.57
C PHE A 126 5.46 -22.09 2.83
N PRO A 127 5.45 -23.02 1.86
CA PRO A 127 4.26 -23.18 1.00
C PRO A 127 3.03 -23.61 1.77
N LEU A 128 1.88 -23.13 1.30
CA LEU A 128 0.59 -23.50 1.87
C LEU A 128 0.16 -24.85 1.34
N LYS A 129 -0.16 -25.76 2.23
CA LYS A 129 -0.57 -27.07 1.80
C LYS A 129 -2.06 -27.07 1.50
N ILE A 130 -2.45 -28.04 0.70
CA ILE A 130 -3.79 -28.13 0.13
C ILE A 130 -4.59 -29.14 0.94
N PRO A 131 -5.72 -28.75 1.51
CA PRO A 131 -6.55 -29.72 2.21
C PRO A 131 -7.12 -30.73 1.24
N PRO A 132 -7.57 -31.88 1.74
CA PRO A 132 -8.35 -32.78 0.90
C PRO A 132 -9.64 -32.11 0.49
N ASN A 133 -10.15 -32.50 -0.69
CA ASN A 133 -11.43 -32.03 -1.22
C ASN A 133 -11.50 -30.51 -1.35
N ASP A 134 -10.38 -29.91 -1.73
CA ASP A 134 -10.35 -28.48 -2.03
C ASP A 134 -11.24 -28.20 -3.24
N PRO A 135 -12.00 -27.10 -3.26
CA PRO A 135 -12.84 -26.81 -4.45
C PRO A 135 -12.06 -26.53 -5.73
N ARG A 136 -10.75 -26.21 -5.65
CA ARG A 136 -10.01 -25.78 -6.83
C ARG A 136 -8.72 -26.54 -7.06
N ILE A 137 -7.97 -26.83 -6.00
CA ILE A 137 -6.65 -27.43 -6.17
C ILE A 137 -6.79 -28.90 -5.81
N LYS A 138 -7.02 -29.73 -6.82
CA LYS A 138 -7.46 -31.10 -6.60
C LYS A 138 -6.31 -32.08 -6.43
N ASN A 139 -5.07 -31.61 -6.51
CA ASN A 139 -3.88 -32.42 -6.34
C ASN A 139 -3.20 -32.04 -5.02
N GLN A 140 -3.24 -32.94 -4.04
CA GLN A 140 -2.82 -32.61 -2.67
C GLN A 140 -1.32 -32.52 -2.54
N ALA A 141 -0.59 -32.85 -3.60
CA ALA A 141 0.83 -32.67 -3.67
C ALA A 141 1.20 -31.31 -4.24
N ASP A 142 0.19 -30.50 -4.59
CA ASP A 142 0.37 -29.13 -5.06
C ASP A 142 0.44 -28.21 -3.84
N CYS A 143 0.55 -26.92 -4.08
CA CYS A 143 0.66 -25.99 -2.97
C CYS A 143 0.47 -24.58 -3.49
N ILE A 144 0.13 -23.68 -2.59
CA ILE A 144 0.10 -22.25 -2.90
C ILE A 144 1.45 -21.68 -2.52
N PRO A 145 2.20 -21.09 -3.46
CA PRO A 145 3.55 -20.63 -3.15
C PRO A 145 3.56 -19.57 -2.06
N PHE A 146 4.67 -19.52 -1.32
CA PHE A 146 4.83 -18.59 -0.21
C PHE A 146 6.32 -18.46 0.11
N PHE A 147 6.84 -17.23 0.09
CA PHE A 147 8.20 -16.92 0.55
C PHE A 147 8.15 -16.35 1.96
N ARG A 148 8.95 -16.90 2.87
CA ARG A 148 9.09 -16.30 4.21
C ARG A 148 9.62 -14.88 4.10
N SER A 149 9.01 -13.98 4.84
CA SER A 149 9.50 -12.60 4.92
C SER A 149 10.91 -12.61 5.46
N PRO A 151 14.38 -12.22 7.40
CA PRO A 151 14.74 -11.91 8.79
C PRO A 151 15.47 -10.58 8.92
N ALA A 152 15.16 -9.84 9.98
CA ALA A 152 15.81 -8.54 10.20
C ALA A 152 17.21 -8.65 10.79
N CYS A 153 17.57 -9.74 11.46
CA CYS A 153 18.97 -9.98 11.79
C CYS A 153 19.34 -11.36 11.27
N PRO A 154 19.83 -11.46 10.04
CA PRO A 154 20.25 -12.77 9.51
C PRO A 154 21.37 -13.37 10.35
N GLY A 155 21.18 -14.62 10.78
CA GLY A 155 22.18 -15.29 11.60
C GLY A 155 21.77 -16.56 12.33
N SER A 156 22.07 -16.62 13.64
CA SER A 156 22.28 -17.87 14.37
C SER A 156 21.18 -18.16 15.40
N ASN A 157 19.92 -17.97 15.04
CA ASN A 157 18.77 -18.45 15.84
C ASN A 157 18.84 -18.14 17.33
N ILE A 158 19.78 -17.29 17.76
CA ILE A 158 19.87 -16.95 19.18
C ILE A 158 18.82 -15.92 19.54
N THR A 159 18.61 -14.92 18.68
CA THR A 159 17.58 -13.93 18.85
C THR A 159 16.29 -14.37 18.15
N ILE A 160 15.18 -13.89 18.68
CA ILE A 160 13.88 -14.18 18.11
C ILE A 160 13.78 -13.47 16.76
N ARG A 161 13.34 -14.22 15.74
CA ARG A 161 13.23 -13.66 14.40
C ARG A 161 12.21 -12.53 14.38
N ASN A 162 12.51 -11.51 13.59
CA ASN A 162 11.62 -10.40 13.37
C ASN A 162 11.77 -10.00 11.91
N GLN A 163 10.94 -9.07 11.47
CA GLN A 163 10.81 -8.75 10.07
C GLN A 163 11.09 -7.26 9.90
N ILE A 164 11.23 -6.85 8.63
CA ILE A 164 11.75 -5.53 8.26
C ILE A 164 10.62 -4.73 7.64
N ASN A 165 10.51 -3.46 8.06
CA ASN A 165 9.71 -2.49 7.36
C ASN A 165 10.59 -1.72 6.40
N ALA A 166 10.34 -1.89 5.11
CA ALA A 166 11.14 -1.21 4.12
C ALA A 166 10.70 0.23 3.89
N LEU A 167 9.70 0.73 4.63
CA LEU A 167 9.14 2.04 4.40
C LEU A 167 9.21 2.91 5.65
N THR A 168 9.09 4.22 5.44
CA THR A 168 8.90 5.12 6.57
C THR A 168 7.52 4.90 7.18
N SER A 169 7.51 4.58 8.47
CA SER A 169 6.28 4.36 9.19
C SER A 169 5.41 5.61 9.15
N PHE A 170 5.99 6.78 8.93
CA PHE A 170 5.23 8.03 9.00
C PHE A 170 4.25 8.15 7.84
N VAL A 171 3.11 8.75 8.14
CA VAL A 171 2.19 9.15 7.10
C VAL A 171 2.82 10.34 6.40
N ASP A 172 3.70 10.05 5.42
CA ASP A 172 4.47 11.09 4.74
C ASP A 172 4.43 10.94 3.22
N ALA A 173 3.47 10.18 2.69
CA ALA A 173 3.39 9.98 1.26
C ALA A 173 4.64 9.30 0.71
N SER A 174 5.25 8.37 1.47
CA SER A 174 6.45 7.66 0.97
C SER A 174 6.11 6.80 -0.24
N MET A 175 4.85 6.36 -0.33
CA MET A 175 4.30 5.72 -1.53
C MET A 175 4.57 6.54 -2.79
N VAL A 176 4.67 7.87 -2.63
CA VAL A 176 4.95 8.75 -3.76
C VAL A 176 6.44 9.00 -3.92
N TYR A 177 7.15 9.17 -2.81
CA TYR A 177 8.46 9.84 -2.83
C TYR A 177 9.61 8.90 -2.60
N GLY A 178 9.36 7.69 -2.15
CA GLY A 178 10.43 6.78 -1.81
C GLY A 178 10.71 6.81 -0.33
N SER A 179 11.13 5.67 0.19
CA SER A 179 11.70 5.61 1.54
C SER A 179 13.23 5.45 1.52
N GLU A 180 13.87 5.58 0.35
CA GLU A 180 15.31 5.39 0.17
C GLU A 180 15.83 6.44 -0.81
N GLU A 181 17.04 6.95 -0.55
CA GLU A 181 17.56 8.17 -1.19
C GLU A 181 17.78 7.98 -2.69
N PRO A 182 18.28 6.81 -3.13
CA PRO A 182 18.48 6.58 -4.57
C PRO A 182 17.17 6.45 -5.34
N LEU A 183 16.24 5.67 -4.81
CA LEU A 183 14.89 5.64 -5.39
C LEU A 183 14.33 7.05 -5.46
N ALA A 184 14.40 7.79 -4.35
CA ALA A 184 13.74 9.10 -4.30
C ALA A 184 14.25 10.01 -5.39
N ARG A 185 15.55 9.92 -5.73
CA ARG A 185 16.11 10.75 -6.79
C ARG A 185 15.81 10.19 -8.16
N ASN A 186 15.72 8.86 -8.27
CA ASN A 186 15.24 8.25 -9.51
C ASN A 186 13.81 8.68 -9.82
N LEU A 187 13.02 8.95 -8.79
CA LEU A 187 11.65 9.40 -8.99
C LEU A 187 11.57 10.87 -9.40
N ARG A 188 12.69 11.57 -9.45
CA ARG A 188 12.70 13.01 -9.64
C ARG A 188 13.06 13.37 -11.07
N ASN A 189 12.61 14.56 -11.46
CA ASN A 189 12.95 15.16 -12.74
C ASN A 189 14.24 15.93 -12.52
N MET A 190 15.36 15.29 -12.83
CA MET A 190 16.68 15.84 -12.52
C MET A 190 17.29 16.60 -13.70
N SER A 191 16.49 16.90 -14.72
CA SER A 191 16.94 17.59 -15.90
C SER A 191 16.61 19.08 -15.88
N ASN A 192 16.17 19.62 -14.74
CA ASN A 192 15.93 21.05 -14.64
C ASN A 192 15.73 21.38 -13.16
N GLN A 193 15.39 22.65 -12.90
CA GLN A 193 15.24 23.16 -11.54
C GLN A 193 13.79 23.45 -11.16
N LEU A 194 12.86 22.61 -11.65
CA LEU A 194 11.42 22.82 -11.43
C LEU A 194 10.84 22.03 -10.26
N GLY A 195 11.58 21.08 -9.68
CA GLY A 195 11.10 20.36 -8.51
C GLY A 195 10.08 19.28 -8.80
N LEU A 196 10.00 18.81 -10.02
CA LEU A 196 8.98 17.87 -10.45
C LEU A 196 9.41 16.43 -10.16
N LEU A 197 8.47 15.52 -10.29
CA LEU A 197 8.78 14.11 -10.33
C LEU A 197 8.88 13.66 -11.78
N ALA A 198 9.70 12.64 -12.03
CA ALA A 198 9.79 12.10 -13.37
C ALA A 198 8.43 11.58 -13.82
N VAL A 199 8.19 11.66 -15.12
CA VAL A 199 6.98 11.17 -15.75
C VAL A 199 7.35 10.31 -16.94
N ASN A 200 6.39 9.53 -17.37
CA ASN A 200 6.57 8.69 -18.53
C ASN A 200 6.92 9.55 -19.74
N GLN A 201 7.80 9.02 -20.60
CA GLN A 201 8.25 9.71 -21.78
C GLN A 201 7.70 9.10 -23.07
N ARG A 202 7.08 7.92 -23.01
CA ARG A 202 6.50 7.30 -24.20
C ARG A 202 5.00 7.46 -24.29
N PHE A 203 4.30 7.75 -23.19
CA PHE A 203 2.83 7.79 -23.15
C PHE A 203 2.34 8.91 -22.25
N GLN A 204 1.19 9.47 -22.60
CA GLN A 204 0.43 10.35 -21.72
C GLN A 204 -1.04 9.96 -21.74
N ASP A 205 -1.77 10.47 -20.74
CA ASP A 205 -3.19 10.19 -20.50
C ASP A 205 -4.02 11.42 -20.85
N ASN A 206 -4.41 11.54 -22.12
CA ASN A 206 -5.12 12.71 -22.62
C ASN A 206 -4.37 14.00 -22.25
N GLY A 207 -3.12 14.04 -22.69
CA GLY A 207 -2.22 15.16 -22.39
C GLY A 207 -1.70 15.23 -20.97
N ARG A 208 -2.15 14.36 -20.08
CA ARG A 208 -1.74 14.43 -18.68
C ARG A 208 -0.71 13.33 -18.38
N ALA A 209 0.09 13.55 -17.32
CA ALA A 209 1.22 12.69 -17.03
C ALA A 209 0.80 11.31 -16.54
N LEU A 210 1.54 10.29 -16.98
CA LEU A 210 1.56 8.97 -16.38
C LEU A 210 2.87 8.70 -15.65
N LEU A 211 2.80 7.80 -14.67
CA LEU A 211 3.98 7.32 -13.98
C LEU A 211 5.05 6.85 -14.96
N PRO A 212 6.34 7.04 -14.67
CA PRO A 212 7.38 6.45 -15.52
C PRO A 212 7.37 4.93 -15.41
N PHE A 213 8.00 4.28 -16.38
CA PHE A 213 8.09 2.83 -16.32
C PHE A 213 9.26 2.41 -15.46
N ASP A 214 9.06 1.36 -14.69
CA ASP A 214 10.12 0.75 -13.92
C ASP A 214 10.80 -0.27 -14.82
N ASN A 215 12.00 -0.66 -14.42
CA ASN A 215 12.76 -1.69 -15.12
C ASN A 215 13.02 -2.83 -14.13
N LEU A 216 12.22 -3.90 -14.23
CA LEU A 216 12.33 -5.10 -13.42
C LEU A 216 12.87 -6.25 -14.25
N HIS A 217 13.63 -7.16 -13.63
CA HIS A 217 14.12 -8.29 -14.41
C HIS A 217 13.01 -9.28 -14.78
N ASP A 218 12.05 -9.54 -13.88
CA ASP A 218 10.91 -10.39 -14.21
C ASP A 218 9.69 -9.50 -13.99
N ASP A 219 9.31 -8.78 -15.05
CA ASP A 219 8.28 -7.79 -14.92
C ASP A 219 6.94 -8.52 -15.06
N PRO A 220 6.16 -8.62 -13.98
CA PRO A 220 4.85 -9.28 -14.10
C PRO A 220 3.89 -8.58 -15.01
N CYS A 221 3.98 -7.25 -15.11
CA CYS A 221 2.99 -6.52 -15.89
C CYS A 221 3.03 -6.93 -17.36
N LEU A 222 4.23 -7.19 -17.89
CA LEU A 222 4.33 -7.58 -19.30
C LEU A 222 3.57 -8.87 -19.57
N LEU A 223 3.40 -9.72 -18.56
CA LEU A 223 2.77 -11.02 -18.75
C LEU A 223 1.25 -10.96 -18.81
N THR A 224 0.63 -9.84 -18.42
CA THR A 224 -0.82 -9.76 -18.40
C THR A 224 -1.39 -9.48 -19.76
N ASN A 225 -0.54 -9.15 -20.70
CA ASN A 225 -0.96 -8.86 -22.07
C ASN A 225 0.29 -8.93 -22.91
N ARG A 226 0.50 -10.10 -23.50
CA ARG A 226 1.80 -10.38 -24.08
C ARG A 226 2.10 -9.41 -25.22
N SER A 227 1.09 -9.09 -26.00
CA SER A 227 1.31 -8.26 -27.17
C SER A 227 1.52 -6.79 -26.84
N ALA A 228 0.86 -6.28 -25.79
CA ALA A 228 0.96 -4.86 -25.43
C ALA A 228 2.32 -4.45 -24.87
N ARG A 229 3.06 -5.35 -24.21
CA ARG A 229 4.38 -5.03 -23.67
C ARG A 229 4.39 -3.69 -22.94
N ILE A 230 3.48 -3.53 -21.99
CA ILE A 230 3.50 -2.38 -21.08
C ILE A 230 4.04 -2.87 -19.73
N PRO A 231 5.20 -2.40 -19.29
CA PRO A 231 5.80 -2.91 -18.05
C PRO A 231 5.20 -2.20 -16.85
N CYS A 232 5.66 -2.60 -15.67
CA CYS A 232 5.10 -2.00 -14.50
C CYS A 232 5.58 -0.57 -14.40
N PHE A 233 4.95 0.17 -13.49
CA PHE A 233 5.23 1.56 -13.23
C PHE A 233 6.22 1.71 -12.09
N LEU A 234 6.90 2.84 -12.10
CA LEU A 234 7.88 3.20 -11.08
C LEU A 234 7.24 4.16 -10.09
N ALA A 235 7.29 3.85 -8.79
CA ALA A 235 6.72 4.76 -7.83
C ALA A 235 7.52 4.71 -6.53
N GLY A 236 7.00 5.43 -5.52
CA GLY A 236 7.59 5.41 -4.18
C GLY A 236 7.56 4.04 -3.56
N ASP A 237 6.62 3.21 -3.98
CA ASP A 237 6.38 1.90 -3.41
C ASP A 237 6.25 0.89 -4.54
N THR A 238 6.77 -0.32 -4.33
CA THR A 238 6.93 -1.30 -5.40
C THR A 238 5.61 -1.87 -5.93
N ARG A 239 4.48 -1.56 -5.30
CA ARG A 239 3.25 -2.22 -5.63
C ARG A 239 2.33 -1.33 -6.47
N SER A 240 2.79 -0.16 -6.90
CA SER A 240 1.88 0.79 -7.54
C SER A 240 1.13 0.18 -8.74
N SER A 241 1.65 -0.91 -9.32
CA SER A 241 1.06 -1.50 -10.50
C SER A 241 0.08 -2.64 -10.21
N GLU A 242 -0.03 -3.06 -8.92
CA GLU A 242 -0.77 -4.27 -8.54
C GLU A 242 -2.22 -4.28 -9.08
N MET A 243 -2.82 -3.11 -9.22
CA MET A 243 -4.20 -2.93 -9.63
C MET A 243 -4.26 -1.55 -10.27
N PRO A 244 -4.94 -1.40 -11.40
CA PRO A 244 -5.03 -0.06 -12.02
C PRO A 244 -5.74 0.93 -11.12
N GLU A 245 -6.64 0.47 -10.27
CA GLU A 245 -7.23 1.35 -9.27
C GLU A 245 -6.14 1.98 -8.38
N LEU A 246 -5.19 1.17 -7.94
CA LEU A 246 -4.06 1.66 -7.15
C LEU A 246 -3.15 2.54 -7.99
N THR A 247 -2.82 2.08 -9.20
CA THR A 247 -2.04 2.91 -10.13
C THR A 247 -2.65 4.29 -10.30
N SER A 248 -3.98 4.34 -10.34
CA SER A 248 -4.68 5.60 -10.56
C SER A 248 -4.46 6.57 -9.43
N MET A 249 -4.49 6.07 -8.18
CA MET A 249 -4.27 6.95 -7.02
C MET A 249 -2.81 7.39 -6.95
N HIS A 250 -1.88 6.51 -7.30
CA HIS A 250 -0.48 6.92 -7.37
C HIS A 250 -0.29 8.02 -8.39
N THR A 251 -0.95 7.90 -9.55
CA THR A 251 -0.81 8.87 -10.64
C THR A 251 -1.48 10.20 -10.29
N LEU A 252 -2.58 10.13 -9.54
CA LEU A 252 -3.21 11.34 -9.06
C LEU A 252 -2.24 12.19 -8.26
N LEU A 253 -1.60 11.59 -7.25
CA LEU A 253 -0.68 12.34 -6.39
C LEU A 253 0.57 12.78 -7.15
N LEU A 254 1.10 11.95 -8.05
CA LEU A 254 2.19 12.39 -8.92
C LEU A 254 1.86 13.71 -9.61
N ARG A 255 0.66 13.82 -10.20
CA ARG A 255 0.30 15.06 -10.87
C ARG A 255 0.12 16.18 -9.86
N GLU A 256 -0.53 15.90 -8.73
CA GLU A 256 -0.70 16.93 -7.72
C GLU A 256 0.66 17.49 -7.29
N HIS A 257 1.67 16.64 -7.12
CA HIS A 257 3.01 17.18 -6.83
C HIS A 257 3.42 18.20 -7.87
N ASN A 258 3.41 17.80 -9.14
CA ASN A 258 3.92 18.65 -10.20
C ASN A 258 3.07 19.92 -10.36
N ARG A 259 1.75 19.81 -10.20
CA ARG A 259 0.89 20.99 -10.23
C ARG A 259 1.25 21.94 -9.10
N LEU A 260 1.56 21.39 -7.94
CA LEU A 260 1.90 22.23 -6.78
C LEU A 260 3.22 22.94 -7.02
N ALA A 261 4.25 22.18 -7.37
CA ALA A 261 5.54 22.77 -7.70
C ALA A 261 5.43 23.81 -8.80
N THR A 262 4.48 23.64 -9.71
CA THR A 262 4.33 24.64 -10.76
C THR A 262 3.78 25.95 -10.18
N GLU A 263 2.72 25.87 -9.39
CA GLU A 263 2.23 27.06 -8.69
C GLU A 263 3.33 27.68 -7.83
N LEU A 264 3.97 26.87 -6.99
CA LEU A 264 4.98 27.39 -6.09
C LEU A 264 6.11 28.10 -6.82
N LYS A 265 6.41 27.69 -8.06
CA LYS A 265 7.43 28.38 -8.87
C LYS A 265 6.90 29.71 -9.41
N SER A 266 5.62 29.77 -9.77
CA SER A 266 5.05 31.05 -10.17
C SER A 266 5.05 32.01 -8.98
N LEU A 267 4.71 31.51 -7.81
CA LEU A 267 4.64 32.35 -6.62
C LEU A 267 6.03 32.82 -6.16
N ASN A 268 7.01 31.91 -6.08
CA ASN A 268 8.36 32.24 -5.58
C ASN A 268 9.38 31.87 -6.65
N PRO A 269 9.58 32.74 -7.63
CA PRO A 269 10.41 32.36 -8.79
C PRO A 269 11.88 32.09 -8.46
N ARG A 270 12.37 32.47 -7.29
CA ARG A 270 13.79 32.30 -6.97
C ARG A 270 14.08 30.96 -6.32
N TRP A 271 13.05 30.28 -5.81
CA TRP A 271 13.22 28.93 -5.27
C TRP A 271 13.84 27.99 -6.32
N ASP A 272 14.84 27.21 -5.89
CA ASP A 272 15.46 26.25 -6.78
C ASP A 272 14.75 24.90 -6.69
N GLY A 273 15.02 24.04 -7.67
CA GLY A 273 14.51 22.68 -7.75
C GLY A 273 14.39 21.96 -6.41
N GLU A 274 15.47 21.85 -5.63
CA GLU A 274 15.36 21.16 -4.35
C GLU A 274 14.24 21.76 -3.51
N ARG A 275 14.16 23.08 -3.49
CA ARG A 275 13.22 23.75 -2.58
C ARG A 275 11.79 23.59 -3.08
N LEU A 276 11.59 23.62 -4.39
CA LEU A 276 10.26 23.39 -4.93
C LEU A 276 9.78 21.99 -4.57
N TYR A 277 10.63 20.98 -4.84
CA TYR A 277 10.30 19.60 -4.54
C TYR A 277 9.90 19.44 -3.08
N GLN A 278 10.77 19.90 -2.18
CA GLN A 278 10.55 19.68 -0.77
C GLN A 278 9.26 20.34 -0.30
N GLU A 279 8.93 21.52 -0.85
CA GLU A 279 7.76 22.25 -0.37
C GLU A 279 6.46 21.61 -0.86
N ALA A 280 6.44 21.20 -2.14
CA ALA A 280 5.29 20.43 -2.64
C ALA A 280 5.18 19.10 -1.90
N ARG A 281 6.28 18.38 -1.77
CA ARG A 281 6.28 17.13 -1.00
C ARG A 281 5.67 17.36 0.39
N LYS A 282 6.01 18.49 1.02
CA LYS A 282 5.48 18.79 2.35
C LYS A 282 3.95 18.92 2.33
N ILE A 283 3.42 19.65 1.35
CA ILE A 283 1.97 19.82 1.21
C ILE A 283 1.31 18.48 0.92
N VAL A 284 1.82 17.76 -0.10
CA VAL A 284 1.28 16.44 -0.45
C VAL A 284 1.27 15.51 0.76
N GLY A 285 2.27 15.63 1.62
CA GLY A 285 2.31 14.79 2.80
C GLY A 285 1.20 15.14 3.78
N ALA A 286 0.90 16.43 3.92
CA ALA A 286 -0.17 16.81 4.85
C ALA A 286 -1.54 16.46 4.27
N MET A 287 -1.69 16.57 2.97
CA MET A 287 -2.92 16.13 2.34
C MET A 287 -3.22 14.69 2.66
N VAL A 288 -2.20 13.85 2.65
CA VAL A 288 -2.43 12.45 2.96
C VAL A 288 -2.80 12.28 4.42
N GLN A 289 -2.15 13.02 5.31
CA GLN A 289 -2.53 12.96 6.73
C GLN A 289 -3.96 13.46 6.93
N ILE A 290 -4.36 14.50 6.21
CA ILE A 290 -5.66 15.11 6.44
C ILE A 290 -6.76 14.20 5.92
N ILE A 291 -6.67 13.80 4.65
CA ILE A 291 -7.63 12.84 4.11
C ILE A 291 -7.71 11.64 5.04
N THR A 292 -6.58 11.19 5.56
CA THR A 292 -6.53 9.95 6.30
C THR A 292 -7.23 10.07 7.65
N TYR A 293 -6.91 11.13 8.40
CA TYR A 293 -7.37 11.30 9.77
C TYR A 293 -8.73 12.01 9.85
N ARG A 294 -9.02 12.90 8.89
CA ARG A 294 -10.28 13.63 8.88
C ARG A 294 -11.41 12.83 8.22
N ASP A 295 -11.14 12.23 7.06
CA ASP A 295 -12.18 11.60 6.24
C ASP A 295 -12.19 10.08 6.35
N TYR A 296 -11.03 9.42 6.29
CA TYR A 296 -11.01 7.97 6.14
C TYR A 296 -11.16 7.23 7.48
N LEU A 297 -10.31 7.56 8.44
CA LEU A 297 -10.26 6.79 9.68
C LEU A 297 -11.54 6.87 10.51
N PRO A 298 -12.21 8.00 10.63
CA PRO A 298 -13.52 7.97 11.29
C PRO A 298 -14.45 6.94 10.68
N LEU A 299 -14.38 6.70 9.37
CA LEU A 299 -15.26 5.73 8.73
C LEU A 299 -14.71 4.31 8.80
N VAL A 300 -13.45 4.11 9.21
CA VAL A 300 -12.98 2.76 9.57
C VAL A 300 -13.41 2.41 10.97
N LEU A 301 -13.10 3.30 11.91
CA LEU A 301 -13.28 2.99 13.32
C LEU A 301 -14.71 3.22 13.79
N GLY A 302 -15.43 4.19 13.20
CA GLY A 302 -16.67 4.64 13.79
C GLY A 302 -16.44 5.51 15.03
N PRO A 303 -17.45 6.31 15.38
CA PRO A 303 -17.24 7.40 16.36
C PRO A 303 -16.70 6.96 17.71
N THR A 304 -17.19 5.84 18.25
CA THR A 304 -16.80 5.45 19.60
C THR A 304 -15.30 5.17 19.67
N ALA A 305 -14.83 4.24 18.84
CA ALA A 305 -13.40 3.95 18.79
C ALA A 305 -12.61 5.16 18.31
N MET A 306 -13.18 5.99 17.46
CA MET A 306 -12.42 7.16 16.99
C MET A 306 -12.06 8.07 18.16
N ARG A 307 -12.97 8.18 19.14
CA ARG A 307 -12.76 9.02 20.32
C ARG A 307 -11.86 8.35 21.35
N LYS A 308 -12.04 7.05 21.58
CA LYS A 308 -11.17 6.33 22.50
C LYS A 308 -9.71 6.32 22.02
N TYR A 309 -9.47 5.87 20.78
CA TYR A 309 -8.08 5.66 20.36
C TYR A 309 -7.47 6.84 19.67
N LEU A 310 -8.23 7.84 19.25
CA LEU A 310 -7.65 8.98 18.53
C LEU A 310 -8.23 10.28 19.06
N PRO A 311 -8.01 10.58 20.34
CA PRO A 311 -8.49 11.85 20.89
C PRO A 311 -7.93 13.04 20.14
N THR A 312 -8.49 14.20 20.48
CA THR A 312 -8.06 15.46 19.90
C THR A 312 -6.55 15.63 20.04
N TYR A 313 -5.93 16.06 18.95
CA TYR A 313 -4.50 16.26 18.92
C TYR A 313 -4.10 17.39 19.86
N ARG A 314 -3.03 17.16 20.64
CA ARG A 314 -2.42 18.18 21.47
C ARG A 314 -1.19 18.75 20.77
N SER A 315 -0.03 18.10 20.96
CA SER A 315 1.14 18.41 20.16
C SER A 315 2.08 17.21 20.13
N TYR A 316 3.21 17.40 19.44
CA TYR A 316 4.23 16.37 19.27
C TYR A 316 4.79 15.93 20.60
N ASN A 317 5.05 14.63 20.68
CA ASN A 317 5.47 13.97 21.91
C ASN A 317 6.62 13.04 21.54
N ASP A 318 7.86 13.49 21.74
CA ASP A 318 9.00 12.67 21.32
C ASP A 318 9.17 11.39 22.17
N SER A 319 8.30 11.06 23.09
CA SER A 319 8.39 9.82 23.84
C SER A 319 7.55 8.68 23.27
N VAL A 320 6.71 8.94 22.24
CA VAL A 320 5.92 7.86 21.65
C VAL A 320 6.69 7.26 20.47
N ASP A 321 6.69 5.94 20.43
CA ASP A 321 7.22 5.13 19.37
C ASP A 321 6.39 5.25 18.09
N PRO A 322 6.88 5.91 17.03
CA PRO A 322 6.11 6.00 15.78
C PRO A 322 6.23 4.78 14.88
N ARG A 323 6.81 3.68 15.35
CA ARG A 323 7.08 2.59 14.43
C ARG A 323 5.81 1.82 14.11
N ILE A 324 5.84 1.10 12.98
CA ILE A 324 4.75 0.19 12.65
C ILE A 324 4.94 -1.09 13.45
N ALA A 325 3.89 -1.52 14.13
CA ALA A 325 3.91 -2.79 14.82
C ALA A 325 3.72 -3.93 13.82
N ASN A 326 4.41 -5.02 14.09
CA ASN A 326 4.29 -6.19 13.24
C ASN A 326 2.83 -6.56 13.02
N VAL A 327 2.02 -6.55 14.10
CA VAL A 327 0.63 -7.01 13.99
C VAL A 327 -0.17 -6.12 13.04
N PHE A 328 0.15 -4.82 12.98
CA PHE A 328 -0.60 -3.93 12.10
C PHE A 328 -0.45 -4.33 10.63
N THR A 329 0.73 -4.83 10.24
CA THR A 329 0.92 -5.27 8.85
C THR A 329 -0.15 -6.29 8.46
N ASN A 330 -0.59 -7.08 9.40
CA ASN A 330 -1.60 -8.08 9.11
C ASN A 330 -3.02 -7.57 9.41
N ALA A 331 -3.20 -6.81 10.50
CA ALA A 331 -4.55 -6.35 10.88
C ALA A 331 -5.10 -5.31 9.90
N PHE A 332 -4.23 -4.51 9.31
CA PHE A 332 -4.69 -3.48 8.39
C PHE A 332 -5.11 -4.09 7.07
N ARG A 333 -4.85 -5.39 6.88
CA ARG A 333 -5.43 -6.14 5.78
C ARG A 333 -6.98 -6.41 6.00
N TYR A 334 -7.62 -5.73 6.96
CA TYR A 334 -9.06 -5.89 7.08
C TYR A 334 -9.72 -5.56 5.74
N GLY A 335 -9.12 -4.66 4.98
CA GLY A 335 -9.69 -4.10 3.77
C GLY A 335 -9.93 -5.09 2.65
N HIS A 336 -9.27 -6.24 2.70
CA HIS A 336 -9.55 -7.27 1.70
C HIS A 336 -11.02 -7.68 1.72
N THR A 337 -11.74 -7.34 2.80
CA THR A 337 -13.13 -7.67 2.91
C THR A 337 -14.00 -6.70 2.13
N LEU A 338 -13.45 -5.54 1.76
CA LEU A 338 -14.14 -4.48 1.04
C LEU A 338 -14.03 -4.61 -0.46
N ILE A 339 -13.30 -5.60 -0.94
CA ILE A 339 -12.86 -5.65 -2.33
C ILE A 339 -13.94 -6.30 -3.17
N GLN A 340 -14.24 -5.66 -4.30
CA GLN A 340 -15.18 -6.14 -5.27
C GLN A 340 -14.47 -7.01 -6.30
N PRO A 341 -15.20 -7.98 -6.88
CA PRO A 341 -14.61 -8.90 -7.87
C PRO A 341 -14.37 -8.27 -9.23
N PHE A 342 -14.74 -7.02 -9.47
CA PHE A 342 -14.59 -6.41 -10.78
C PHE A 342 -13.92 -5.07 -10.63
N MET A 343 -13.19 -4.66 -11.68
CA MET A 343 -12.79 -3.27 -11.83
C MET A 343 -13.86 -2.57 -12.66
N PHE A 344 -14.43 -1.51 -12.09
CA PHE A 344 -15.52 -0.81 -12.73
C PHE A 344 -14.99 0.46 -13.39
N ARG A 345 -15.35 0.68 -14.66
CA ARG A 345 -14.92 1.87 -15.37
C ARG A 345 -16.09 2.58 -16.04
N LEU A 346 -16.18 3.90 -15.83
CA LEU A 346 -17.34 4.71 -16.20
C LEU A 346 -16.91 5.95 -16.97
N ASP A 347 -17.79 6.45 -17.84
CA ASP A 347 -17.48 7.55 -18.76
C ASP A 347 -17.81 8.93 -18.19
N ASN A 348 -17.58 9.96 -19.01
CA ASN A 348 -18.11 11.32 -18.86
C ASN A 348 -19.36 11.43 -17.99
N ARG A 349 -20.33 10.55 -18.23
CA ARG A 349 -21.65 10.63 -17.63
C ARG A 349 -21.85 9.62 -16.52
N TYR A 350 -20.77 8.96 -16.10
CA TYR A 350 -20.83 7.92 -15.07
C TYR A 350 -21.66 6.73 -15.52
N GLN A 351 -21.62 6.45 -16.81
CA GLN A 351 -22.21 5.29 -17.44
C GLN A 351 -21.13 4.26 -17.77
N PRO A 352 -21.49 2.98 -17.81
CA PRO A 352 -20.51 1.95 -18.16
C PRO A 352 -19.74 2.27 -19.45
N MET A 353 -18.43 2.09 -19.38
CA MET A 353 -17.49 2.50 -20.42
C MET A 353 -17.00 1.27 -21.16
N GLU A 354 -17.08 1.31 -22.51
CA GLU A 354 -16.46 0.27 -23.32
C GLU A 354 -15.00 0.63 -23.61
N PRO A 355 -14.14 -0.36 -23.89
CA PRO A 355 -14.36 -1.80 -24.11
C PRO A 355 -15.14 -2.56 -23.00
N ASN A 356 -14.54 -2.63 -21.80
CA ASN A 356 -14.95 -3.59 -20.77
C ASN A 356 -15.29 -2.86 -19.47
N PRO A 357 -16.58 -2.71 -19.13
CA PRO A 357 -16.93 -1.87 -17.99
C PRO A 357 -16.82 -2.58 -16.66
N ARG A 358 -16.67 -3.90 -16.67
CA ARG A 358 -16.84 -4.80 -15.52
C ARG A 358 -15.83 -5.95 -15.71
N VAL A 359 -14.57 -5.69 -15.38
CA VAL A 359 -13.48 -6.63 -15.67
C VAL A 359 -13.17 -7.42 -14.40
N PRO A 360 -13.18 -8.75 -14.45
CA PRO A 360 -12.81 -9.54 -13.27
C PRO A 360 -11.43 -9.12 -12.77
N LEU A 361 -11.27 -9.02 -11.45
CA LEU A 361 -10.01 -8.51 -10.90
C LEU A 361 -8.84 -9.33 -11.39
N SER A 362 -9.06 -10.64 -11.62
CA SER A 362 -8.01 -11.55 -12.04
C SER A 362 -7.55 -11.31 -13.49
N ARG A 363 -8.07 -10.30 -14.18
CA ARG A 363 -7.53 -9.84 -15.46
C ARG A 363 -7.06 -8.41 -15.34
N VAL A 364 -6.91 -7.95 -14.12
CA VAL A 364 -6.56 -6.57 -13.81
C VAL A 364 -5.27 -6.48 -12.98
N PHE A 365 -4.88 -7.54 -12.28
CA PHE A 365 -3.64 -7.53 -11.49
C PHE A 365 -2.44 -7.29 -12.37
N PHE A 366 -1.63 -6.30 -12.02
CA PHE A 366 -0.43 -5.95 -12.77
C PHE A 366 -0.72 -5.57 -14.20
N ALA A 367 -1.99 -5.28 -14.51
CA ALA A 367 -2.36 -4.92 -15.88
C ALA A 367 -2.09 -3.45 -16.13
N SER A 368 -0.86 -3.04 -15.89
CA SER A 368 -0.36 -1.76 -16.33
C SER A 368 -0.90 -1.33 -17.71
N TRP A 369 -1.03 -2.28 -18.65
CA TRP A 369 -1.45 -1.94 -20.01
C TRP A 369 -2.85 -1.31 -20.07
N ARG A 370 -3.75 -1.64 -19.14
CA ARG A 370 -5.11 -1.09 -19.19
C ARG A 370 -5.12 0.41 -18.85
N VAL A 371 -4.17 0.86 -18.04
CA VAL A 371 -4.05 2.29 -17.78
C VAL A 371 -3.57 3.01 -19.02
N VAL A 372 -2.62 2.41 -19.74
CA VAL A 372 -1.94 3.14 -20.81
C VAL A 372 -2.76 3.07 -22.08
N LEU A 373 -3.36 1.92 -22.34
CA LEU A 373 -4.00 1.63 -23.62
C LEU A 373 -5.52 1.53 -23.56
N GLU A 374 -6.16 1.57 -22.38
CA GLU A 374 -7.61 1.44 -22.27
C GLU A 374 -8.24 2.62 -21.52
N GLY A 375 -7.72 3.82 -21.69
CA GLY A 375 -8.42 5.03 -21.32
C GLY A 375 -7.88 5.83 -20.17
N GLY A 376 -6.66 5.54 -19.70
CA GLY A 376 -6.08 6.36 -18.67
C GLY A 376 -6.75 6.12 -17.33
N ILE A 377 -6.74 7.14 -16.46
CA ILE A 377 -7.15 6.93 -15.08
C ILE A 377 -8.53 7.54 -14.80
N ASP A 378 -9.02 8.45 -15.63
CA ASP A 378 -10.37 8.99 -15.40
C ASP A 378 -11.44 7.92 -15.28
N PRO A 379 -11.57 6.96 -16.18
CA PRO A 379 -12.66 5.99 -16.02
C PRO A 379 -12.51 5.12 -14.78
N ILE A 380 -11.27 4.82 -14.40
CA ILE A 380 -11.02 4.07 -13.18
C ILE A 380 -11.44 4.90 -11.97
N LEU A 381 -11.09 6.21 -11.96
CA LEU A 381 -11.38 7.03 -10.78
C LEU A 381 -12.88 7.27 -10.62
N ARG A 382 -13.62 7.41 -11.71
CA ARG A 382 -15.08 7.51 -11.63
C ARG A 382 -15.70 6.23 -11.06
N GLY A 383 -15.28 5.08 -11.61
CA GLY A 383 -15.68 3.81 -11.02
C GLY A 383 -15.46 3.73 -9.52
N LEU A 384 -14.33 4.27 -9.03
CA LEU A 384 -14.07 4.16 -7.59
C LEU A 384 -15.02 5.04 -6.77
N MET A 385 -15.45 6.17 -7.34
CA MET A 385 -16.31 7.10 -6.60
C MET A 385 -17.78 6.69 -6.61
N ALA A 386 -18.24 6.07 -7.70
CA ALA A 386 -19.66 5.81 -7.95
C ALA A 386 -20.02 4.34 -7.88
N THR A 387 -19.15 3.50 -7.33
CA THR A 387 -19.45 2.09 -7.07
C THR A 387 -19.40 1.81 -5.57
N PRO A 388 -20.32 1.02 -5.03
CA PRO A 388 -20.23 0.68 -3.62
C PRO A 388 -19.07 -0.27 -3.36
N ALA A 389 -18.43 -0.07 -2.21
CA ALA A 389 -17.60 -1.11 -1.64
C ALA A 389 -18.45 -2.33 -1.33
N LYS A 390 -17.77 -3.47 -1.32
CA LYS A 390 -18.36 -4.67 -0.73
C LYS A 390 -18.46 -4.49 0.78
N LEU A 391 -19.54 -5.00 1.36
CA LEU A 391 -19.74 -5.00 2.79
C LEU A 391 -19.15 -6.29 3.35
N ASN A 392 -18.37 -6.15 4.42
CA ASN A 392 -17.93 -7.33 5.15
C ASN A 392 -19.10 -7.87 5.97
N ARG A 393 -19.38 -9.17 5.81
CA ARG A 393 -20.39 -9.84 6.61
C ARG A 393 -19.86 -11.22 6.95
N GLN A 394 -20.35 -11.77 8.04
CA GLN A 394 -19.72 -12.92 8.69
C GLN A 394 -19.81 -14.19 7.85
N ASN A 395 -20.64 -14.21 6.81
CA ASN A 395 -20.65 -15.33 5.87
C ASN A 395 -20.44 -14.87 4.43
N GLN A 396 -19.98 -13.64 4.25
CA GLN A 396 -19.49 -13.11 2.99
C GLN A 396 -18.20 -12.32 3.22
N ILE A 397 -17.15 -13.03 3.67
CA ILE A 397 -15.94 -12.35 4.13
C ILE A 397 -15.09 -11.84 2.96
N ALA A 398 -14.78 -12.68 1.97
CA ALA A 398 -13.94 -12.17 0.87
C ALA A 398 -14.23 -12.90 -0.43
N VAL A 399 -14.10 -12.17 -1.55
CA VAL A 399 -14.54 -12.67 -2.85
C VAL A 399 -13.50 -13.58 -3.48
N ASP A 400 -13.98 -14.42 -4.39
CA ASP A 400 -13.08 -15.44 -4.92
C ASP A 400 -12.10 -14.90 -5.95
N GLU A 401 -12.28 -13.69 -6.46
CA GLU A 401 -11.26 -13.12 -7.34
C GLU A 401 -9.93 -12.96 -6.61
N ILE A 402 -9.96 -12.76 -5.29
CA ILE A 402 -8.73 -12.70 -4.49
C ILE A 402 -8.49 -13.99 -3.71
N ARG A 403 -9.49 -14.86 -3.58
CA ARG A 403 -9.31 -16.10 -2.82
C ARG A 403 -8.99 -17.30 -3.70
N GLU A 404 -9.37 -17.28 -4.99
CA GLU A 404 -9.07 -18.37 -5.90
C GLU A 404 -8.17 -17.97 -7.04
N ARG A 405 -8.07 -16.68 -7.34
CA ARG A 405 -7.51 -16.23 -8.61
C ARG A 405 -6.54 -15.07 -8.47
N LEU A 406 -6.03 -14.82 -7.26
CA LEU A 406 -5.03 -13.76 -7.07
C LEU A 406 -3.83 -13.98 -7.96
N PHE A 407 -3.47 -12.94 -8.73
CA PHE A 407 -2.29 -12.93 -9.59
C PHE A 407 -2.28 -14.13 -10.52
N GLU A 408 -3.47 -14.67 -10.80
CA GLU A 408 -3.55 -15.83 -11.69
C GLU A 408 -2.72 -15.63 -12.96
N GLN A 409 -2.73 -14.42 -13.48
CA GLN A 409 -2.14 -14.19 -14.80
C GLN A 409 -0.62 -14.17 -14.78
N VAL A 410 0.03 -14.13 -13.61
CA VAL A 410 1.46 -13.87 -13.59
C VAL A 410 2.17 -14.87 -12.70
N MET A 411 1.48 -15.94 -12.32
CA MET A 411 1.99 -16.97 -11.42
C MET A 411 1.54 -18.32 -11.95
N ARG A 412 2.15 -19.38 -11.45
CA ARG A 412 1.74 -20.70 -11.93
C ARG A 412 0.35 -21.13 -11.42
N ILE A 413 -0.18 -20.51 -10.37
CA ILE A 413 -1.56 -20.76 -9.94
C ILE A 413 -2.10 -19.51 -9.27
N GLY A 414 -3.42 -19.38 -9.26
CA GLY A 414 -4.02 -18.31 -8.49
C GLY A 414 -3.73 -18.50 -7.02
N LEU A 415 -3.44 -17.41 -6.34
CA LEU A 415 -3.22 -17.51 -4.92
C LEU A 415 -4.55 -17.25 -4.20
N ASP A 416 -4.49 -17.37 -2.89
CA ASP A 416 -5.63 -17.17 -2.01
C ASP A 416 -5.16 -16.15 -0.98
N LEU A 417 -5.61 -14.91 -1.15
CA LEU A 417 -5.05 -13.83 -0.35
C LEU A 417 -5.42 -13.98 1.13
N PRO A 418 -6.66 -14.30 1.47
CA PRO A 418 -6.93 -14.60 2.88
C PRO A 418 -6.02 -15.68 3.43
N ALA A 419 -5.83 -16.77 2.70
CA ALA A 419 -4.95 -17.82 3.19
C ALA A 419 -3.53 -17.29 3.35
N LEU A 420 -3.07 -16.50 2.38
CA LEU A 420 -1.77 -15.86 2.48
C LEU A 420 -1.72 -15.02 3.74
N ASN A 421 -2.80 -14.31 4.05
CA ASN A 421 -2.78 -13.45 5.25
C ASN A 421 -2.49 -14.27 6.50
N MET A 422 -3.12 -15.44 6.63
CA MET A 422 -2.98 -16.26 7.82
C MET A 422 -1.61 -16.94 7.84
N GLN A 423 -1.14 -17.41 6.68
CA GLN A 423 0.22 -17.93 6.62
C GLN A 423 1.23 -16.83 6.98
N ARG A 424 0.96 -15.60 6.56
CA ARG A 424 1.87 -14.49 6.83
C ARG A 424 1.89 -14.12 8.32
N SER A 425 0.77 -14.22 9.01
CA SER A 425 0.85 -13.91 10.43
C SER A 425 1.61 -15.00 11.17
N ARG A 426 1.50 -16.25 10.70
CA ARG A 426 2.32 -17.34 11.24
C ARG A 426 3.80 -17.11 10.96
N ASP A 427 4.15 -16.82 9.70
CA ASP A 427 5.52 -16.45 9.33
C ASP A 427 6.08 -15.40 10.29
N HIS A 428 5.28 -14.36 10.57
CA HIS A 428 5.72 -13.26 11.41
C HIS A 428 5.62 -13.55 12.89
N GLY A 429 5.31 -14.79 13.29
CA GLY A 429 5.22 -15.12 14.71
C GLY A 429 4.18 -14.34 15.48
N LEU A 430 3.09 -13.95 14.83
CA LEU A 430 2.10 -13.16 15.56
C LEU A 430 1.31 -14.04 16.52
N PRO A 431 1.08 -13.56 17.73
CA PRO A 431 0.18 -14.26 18.63
C PRO A 431 -1.25 -14.33 18.10
N GLY A 432 -1.99 -15.30 18.61
CA GLY A 432 -3.35 -15.51 18.25
C GLY A 432 -4.33 -14.45 18.75
N TYR A 433 -5.61 -14.74 18.43
CA TYR A 433 -6.75 -13.83 18.64
C TYR A 433 -6.89 -13.38 20.10
N ASN A 434 -6.97 -14.33 21.04
CA ASN A 434 -7.23 -13.96 22.43
C ASN A 434 -6.12 -13.12 23.02
N ALA A 435 -4.87 -13.37 22.61
CA ALA A 435 -3.77 -12.57 23.15
C ALA A 435 -3.89 -11.12 22.69
N TRP A 436 -4.41 -10.89 21.48
CA TRP A 436 -4.62 -9.51 21.04
C TRP A 436 -5.86 -8.92 21.71
N ARG A 437 -6.86 -9.74 21.98
CA ARG A 437 -7.99 -9.29 22.78
C ARG A 437 -7.51 -8.78 24.13
N ARG A 438 -6.73 -9.60 24.83
CA ARG A 438 -6.15 -9.18 26.10
C ARG A 438 -5.40 -7.87 25.94
N PHE A 439 -4.49 -7.80 24.97
CA PHE A 439 -3.74 -6.57 24.75
C PHE A 439 -4.67 -5.37 24.60
N CYS A 440 -5.85 -5.57 24.02
CA CYS A 440 -6.78 -4.48 23.75
C CYS A 440 -7.79 -4.27 24.88
N GLY A 441 -7.70 -5.03 25.97
CA GLY A 441 -8.59 -4.82 27.09
C GLY A 441 -9.95 -5.43 26.90
N LEU A 442 -10.05 -6.49 26.12
CA LEU A 442 -11.30 -7.06 25.64
C LEU A 442 -11.48 -8.47 26.17
N PRO A 443 -12.69 -8.88 26.52
CA PRO A 443 -12.88 -10.23 27.03
C PRO A 443 -12.31 -11.26 26.07
N GLN A 444 -11.78 -12.32 26.64
CA GLN A 444 -11.22 -13.40 25.85
C GLN A 444 -12.13 -14.60 25.99
N PRO A 445 -12.88 -14.97 24.96
CA PRO A 445 -13.72 -16.17 25.04
C PRO A 445 -12.89 -17.43 24.89
N GLU A 446 -13.32 -18.47 25.59
CA GLU A 446 -12.60 -19.73 25.62
C GLU A 446 -13.39 -20.89 25.07
N THR A 447 -14.72 -20.79 25.06
CA THR A 447 -15.63 -21.83 24.67
C THR A 447 -16.31 -21.40 23.39
N VAL A 448 -16.86 -22.37 22.66
CA VAL A 448 -17.65 -22.04 21.46
C VAL A 448 -18.75 -21.03 21.82
N GLY A 449 -19.50 -21.30 22.88
CA GLY A 449 -20.56 -20.39 23.29
C GLY A 449 -20.08 -18.98 23.56
N GLN A 450 -18.94 -18.85 24.23
CA GLN A 450 -18.43 -17.51 24.54
C GLN A 450 -17.92 -16.80 23.28
N LEU A 451 -17.27 -17.55 22.39
CA LEU A 451 -16.96 -17.01 21.07
C LEU A 451 -18.25 -16.60 20.37
N GLY A 452 -19.27 -17.46 20.44
CA GLY A 452 -20.57 -17.09 19.90
C GLY A 452 -21.01 -15.71 20.35
N THR A 453 -20.88 -15.43 21.64
CA THR A 453 -21.38 -14.18 22.18
C THR A 453 -20.59 -12.99 21.66
N VAL A 454 -19.27 -13.13 21.60
CA VAL A 454 -18.40 -12.04 21.15
C VAL A 454 -18.70 -11.69 19.69
N LEU A 455 -18.89 -12.71 18.87
CA LEU A 455 -19.20 -12.54 17.47
C LEU A 455 -20.70 -12.35 17.22
N ARG A 456 -21.54 -12.56 18.23
CA ARG A 456 -22.98 -12.51 18.04
C ARG A 456 -23.37 -13.34 16.82
N ASN A 457 -22.78 -14.52 16.73
CA ASN A 457 -22.97 -15.40 15.58
C ASN A 457 -22.48 -16.77 16.06
N LEU A 458 -23.38 -17.58 16.59
CA LEU A 458 -22.95 -18.87 17.09
C LEU A 458 -22.41 -19.73 15.98
N LYS A 459 -22.95 -19.57 14.75
CA LYS A 459 -22.61 -20.48 13.67
C LYS A 459 -21.18 -20.23 13.19
N LEU A 460 -20.79 -18.98 13.04
CA LEU A 460 -19.39 -18.67 12.77
C LEU A 460 -18.49 -19.16 13.89
N ALA A 461 -18.95 -19.06 15.13
CA ALA A 461 -18.13 -19.50 16.24
C ALA A 461 -17.90 -21.00 16.16
N ARG A 462 -18.91 -21.76 15.78
CA ARG A 462 -18.70 -23.21 15.65
C ARG A 462 -17.70 -23.50 14.54
N LYS A 463 -17.82 -22.80 13.41
CA LYS A 463 -16.90 -23.04 12.31
C LYS A 463 -15.47 -22.68 12.71
N LEU A 464 -15.31 -21.59 13.46
CA LEU A 464 -13.98 -21.19 13.92
C LEU A 464 -13.40 -22.21 14.88
N MET A 465 -14.22 -22.81 15.75
CA MET A 465 -13.71 -23.81 16.69
C MET A 465 -13.42 -25.12 16.00
N GLU A 466 -14.20 -25.44 14.96
CA GLU A 466 -13.92 -26.62 14.18
C GLU A 466 -12.53 -26.54 13.54
N GLN A 467 -12.17 -25.37 13.01
CA GLN A 467 -10.89 -25.23 12.31
C GLN A 467 -9.73 -25.17 13.30
N TYR A 468 -9.89 -24.41 14.37
CA TYR A 468 -8.79 -23.98 15.22
C TYR A 468 -8.73 -24.65 16.58
N GLY A 469 -9.83 -25.20 17.05
CA GLY A 469 -9.86 -25.91 18.32
C GLY A 469 -10.07 -25.00 19.51
N THR A 470 -9.42 -23.86 19.53
CA THR A 470 -9.52 -22.93 20.64
C THR A 470 -9.43 -21.51 20.11
N PRO A 471 -10.17 -20.56 20.70
CA PRO A 471 -10.05 -19.18 20.21
C PRO A 471 -8.65 -18.64 20.35
N ASN A 472 -7.82 -19.25 21.20
CA ASN A 472 -6.44 -18.80 21.34
C ASN A 472 -5.66 -18.95 20.05
N ASN A 473 -6.00 -19.93 19.22
CA ASN A 473 -5.23 -20.21 18.02
C ASN A 473 -5.73 -19.47 16.77
N ILE A 474 -6.86 -18.75 16.84
CA ILE A 474 -7.38 -18.06 15.67
C ILE A 474 -6.39 -17.00 15.20
N ASP A 475 -6.07 -17.03 13.91
CA ASP A 475 -5.13 -16.10 13.32
C ASP A 475 -5.72 -14.68 13.34
N ILE A 476 -4.85 -13.71 13.58
CA ILE A 476 -5.34 -12.37 13.91
C ILE A 476 -6.21 -11.81 12.79
N TRP A 477 -5.82 -11.99 11.51
CA TRP A 477 -6.66 -11.45 10.43
C TRP A 477 -8.03 -12.11 10.47
N MET A 478 -8.07 -13.43 10.60
CA MET A 478 -9.33 -14.14 10.54
C MET A 478 -10.26 -13.74 11.69
N GLY A 479 -9.75 -13.76 12.92
CA GLY A 479 -10.61 -13.40 14.03
C GLY A 479 -11.00 -11.94 13.99
N GLY A 480 -10.07 -11.09 13.54
CA GLY A 480 -10.34 -9.65 13.49
C GLY A 480 -11.48 -9.31 12.56
N VAL A 481 -11.49 -9.92 11.37
CA VAL A 481 -12.55 -9.64 10.41
C VAL A 481 -13.80 -10.44 10.70
N SER A 482 -13.74 -11.47 11.55
CA SER A 482 -14.94 -12.18 11.94
C SER A 482 -15.78 -11.40 12.93
N GLU A 483 -15.25 -10.34 13.50
CA GLU A 483 -16.00 -9.69 14.54
C GLU A 483 -17.09 -8.80 13.92
N PRO A 484 -18.21 -8.64 14.61
CA PRO A 484 -19.22 -7.70 14.14
C PRO A 484 -18.67 -6.29 14.07
N LEU A 485 -19.12 -5.56 13.08
CA LEU A 485 -18.64 -4.21 12.87
C LEU A 485 -19.21 -3.25 13.90
N LYS A 486 -18.35 -2.40 14.45
CA LYS A 486 -18.82 -1.28 15.25
C LYS A 486 -19.76 -0.42 14.45
N ARG A 487 -20.56 0.34 15.18
CA ARG A 487 -21.53 1.26 14.61
C ARG A 487 -20.83 2.32 13.78
N LYS A 488 -21.21 2.39 12.51
CA LYS A 488 -20.70 3.38 11.56
C LYS A 488 -19.20 3.23 11.30
N GLY A 489 -18.68 2.03 11.56
CA GLY A 489 -17.32 1.67 11.18
C GLY A 489 -17.33 0.36 10.42
N ARG A 490 -16.13 -0.06 10.02
CA ARG A 490 -15.99 -1.26 9.19
C ARG A 490 -15.02 -2.27 9.81
N VAL A 491 -14.75 -2.14 11.10
CA VAL A 491 -14.07 -3.17 11.86
C VAL A 491 -14.80 -3.41 13.17
N GLY A 492 -14.56 -4.58 13.77
CA GLY A 492 -14.94 -4.84 15.14
C GLY A 492 -14.01 -4.19 16.16
N PRO A 493 -14.25 -4.49 17.43
CA PRO A 493 -13.46 -3.87 18.51
C PRO A 493 -11.98 -4.25 18.48
N LEU A 494 -11.66 -5.51 18.21
CA LEU A 494 -10.25 -5.90 18.17
C LEU A 494 -9.47 -5.08 17.16
N LEU A 495 -9.92 -5.07 15.91
CA LEU A 495 -9.15 -4.38 14.88
C LEU A 495 -9.23 -2.87 15.04
N ALA A 496 -10.31 -2.38 15.63
CA ALA A 496 -10.41 -0.96 15.94
C ALA A 496 -9.32 -0.56 16.91
N CYS A 497 -9.07 -1.40 17.89
CA CYS A 497 -8.00 -1.13 18.84
C CYS A 497 -6.65 -1.12 18.13
N ILE A 498 -6.30 -2.23 17.49
CA ILE A 498 -5.02 -2.31 16.84
C ILE A 498 -4.84 -1.16 15.88
N ILE A 499 -5.81 -0.99 14.98
CA ILE A 499 -5.64 0.01 13.93
C ILE A 499 -5.58 1.41 14.53
N GLY A 500 -6.48 1.73 15.45
CA GLY A 500 -6.52 3.07 16.00
C GLY A 500 -5.31 3.37 16.85
N THR A 501 -4.88 2.40 17.65
CA THR A 501 -3.62 2.53 18.38
C THR A 501 -2.48 2.89 17.45
N GLN A 502 -2.34 2.14 16.35
CA GLN A 502 -1.22 2.38 15.44
C GLN A 502 -1.23 3.81 14.93
N PHE A 503 -2.41 4.33 14.54
CA PHE A 503 -2.45 5.64 13.91
C PHE A 503 -2.29 6.76 14.94
N ARG A 504 -2.71 6.54 16.18
CA ARG A 504 -2.43 7.55 17.19
C ARG A 504 -0.92 7.74 17.32
N LYS A 505 -0.21 6.63 17.50
CA LYS A 505 1.25 6.67 17.59
C LYS A 505 1.87 7.31 16.36
N LEU A 506 1.32 7.07 15.17
CA LEU A 506 1.91 7.67 13.97
C LEU A 506 1.72 9.19 13.95
N ARG A 507 0.64 9.65 14.56
CA ARG A 507 0.37 11.09 14.65
C ARG A 507 1.13 11.72 15.82
N ASP A 508 0.92 11.21 17.04
CA ASP A 508 1.50 11.85 18.22
C ASP A 508 3.03 11.78 18.23
N GLY A 509 3.63 10.84 17.49
CA GLY A 509 5.07 10.62 17.48
C GLY A 509 5.75 11.08 16.22
N ASP A 510 5.05 11.92 15.44
CA ASP A 510 5.54 12.46 14.19
C ASP A 510 5.90 13.92 14.40
N ARG A 511 7.20 14.24 14.33
CA ARG A 511 7.60 15.61 14.58
C ARG A 511 7.10 16.54 13.49
N PHE A 512 6.85 16.02 12.29
CA PHE A 512 6.42 16.80 11.16
C PHE A 512 4.90 16.67 10.91
N TRP A 513 4.15 16.25 11.91
CA TRP A 513 2.69 16.24 11.79
C TRP A 513 2.18 17.64 11.46
N TRP A 514 1.31 17.73 10.45
CA TRP A 514 0.93 19.00 9.85
C TRP A 514 0.30 20.00 10.82
N GLU A 515 -0.24 19.56 11.95
CA GLU A 515 -0.81 20.47 12.94
C GLU A 515 0.17 20.85 14.06
N ASN A 516 1.36 20.25 14.12
CA ASN A 516 2.32 20.54 15.18
C ASN A 516 2.92 21.93 14.97
N GLU A 517 3.16 22.63 16.08
CA GLU A 517 3.72 23.98 16.05
C GLU A 517 5.02 24.04 15.27
N GLY A 518 5.08 24.90 14.27
CA GLY A 518 6.29 25.17 13.55
C GLY A 518 6.37 24.51 12.20
N VAL A 519 5.65 23.40 12.01
CA VAL A 519 5.68 22.69 10.73
C VAL A 519 5.15 23.60 9.63
N PHE A 520 3.89 24.07 9.79
CA PHE A 520 3.29 25.06 8.91
C PHE A 520 2.95 26.30 9.72
N SER A 521 2.87 27.44 9.03
CA SER A 521 2.35 28.66 9.65
C SER A 521 0.85 28.52 9.96
N MET A 522 0.35 29.42 10.81
CA MET A 522 -1.08 29.39 11.15
C MET A 522 -1.94 29.54 9.92
N GLN A 523 -1.48 30.34 8.94
CA GLN A 523 -2.29 30.60 7.75
C GLN A 523 -2.26 29.42 6.79
N GLN A 524 -1.07 28.83 6.60
CA GLN A 524 -0.95 27.63 5.78
C GLN A 524 -1.85 26.53 6.30
N ARG A 525 -1.94 26.37 7.62
CA ARG A 525 -2.78 25.33 8.21
C ARG A 525 -4.26 25.62 8.02
N GLN A 526 -4.65 26.88 7.84
CA GLN A 526 -6.05 27.17 7.59
C GLN A 526 -6.38 26.99 6.11
N ALA A 527 -5.38 27.15 5.24
CA ALA A 527 -5.53 26.81 3.82
C ALA A 527 -5.64 25.30 3.62
N LEU A 528 -4.74 24.54 4.25
CA LEU A 528 -4.73 23.09 4.09
C LEU A 528 -6.03 22.46 4.57
N ALA A 529 -6.67 23.06 5.58
CA ALA A 529 -7.93 22.54 6.09
C ALA A 529 -9.00 22.42 5.00
N GLN A 530 -8.86 23.18 3.92
CA GLN A 530 -9.81 23.16 2.82
C GLN A 530 -9.67 21.95 1.91
N ILE A 531 -8.49 21.33 1.86
CA ILE A 531 -8.19 20.36 0.82
C ILE A 531 -9.12 19.16 0.97
N SER A 532 -9.36 18.49 -0.14
CA SER A 532 -10.13 17.25 -0.09
C SER A 532 -9.71 16.38 -1.26
N LEU A 533 -9.93 15.07 -1.11
CA LEU A 533 -9.66 14.18 -2.24
C LEU A 533 -10.45 14.55 -3.48
N PRO A 534 -11.77 14.82 -3.41
CA PRO A 534 -12.48 15.23 -4.62
C PRO A 534 -11.83 16.42 -5.31
N ARG A 535 -11.37 17.39 -4.54
CA ARG A 535 -10.71 18.55 -5.17
C ARG A 535 -9.41 18.12 -5.88
N ILE A 536 -8.63 17.24 -5.25
CA ILE A 536 -7.40 16.77 -5.88
C ILE A 536 -7.71 16.11 -7.23
N ILE A 537 -8.80 15.34 -7.26
CA ILE A 537 -9.25 14.75 -8.52
C ILE A 537 -9.65 15.83 -9.52
N CYS A 538 -10.34 16.88 -9.05
CA CYS A 538 -10.73 17.96 -9.96
C CYS A 538 -9.52 18.64 -10.60
N ASP A 539 -8.43 18.82 -9.83
CA ASP A 539 -7.30 19.59 -10.33
C ASP A 539 -6.41 18.82 -11.30
N ASN A 540 -6.49 17.47 -11.33
CA ASN A 540 -5.49 16.69 -12.05
C ASN A 540 -6.10 15.65 -12.98
N THR A 541 -7.38 15.79 -13.34
CA THR A 541 -8.02 14.86 -14.26
C THR A 541 -8.97 15.61 -15.16
N GLY A 542 -9.46 14.91 -16.18
CA GLY A 542 -10.54 15.37 -17.02
C GLY A 542 -11.93 15.26 -16.43
N ILE A 543 -12.04 15.04 -15.12
CA ILE A 543 -13.30 14.79 -14.43
C ILE A 543 -13.80 16.09 -13.82
N THR A 544 -15.02 16.50 -14.19
CA THR A 544 -15.58 17.78 -13.78
C THR A 544 -16.70 17.63 -12.78
N THR A 545 -17.22 16.43 -12.62
CA THR A 545 -18.20 16.11 -11.60
C THR A 545 -17.60 15.01 -10.73
N VAL A 546 -17.55 15.26 -9.43
CA VAL A 546 -16.92 14.34 -8.51
C VAL A 546 -17.81 14.16 -7.29
N SER A 547 -17.40 13.19 -6.50
CA SER A 547 -18.06 12.84 -5.27
C SER A 547 -18.06 14.01 -4.29
N LYS A 548 -19.17 14.17 -3.57
CA LYS A 548 -19.23 15.18 -2.50
C LYS A 548 -18.72 14.59 -1.19
N ASN A 549 -18.27 15.48 -0.30
CA ASN A 549 -17.73 15.01 0.97
C ASN A 549 -18.85 14.43 1.81
N ASN A 550 -18.61 13.28 2.44
CA ASN A 550 -17.32 12.59 2.51
C ASN A 550 -17.24 11.55 1.38
N ILE A 551 -16.22 11.70 0.54
CA ILE A 551 -16.00 10.87 -0.65
C ILE A 551 -16.06 9.38 -0.36
N PHE A 552 -15.66 8.98 0.86
CA PHE A 552 -15.65 7.58 1.26
C PHE A 552 -17.02 7.06 1.65
N MET A 553 -17.97 7.96 1.88
CA MET A 553 -19.36 7.59 2.09
C MET A 553 -20.17 7.73 0.81
N SER A 554 -20.05 8.87 0.14
CA SER A 554 -20.66 9.07 -1.17
C SER A 554 -20.34 7.92 -2.11
N ASN A 555 -21.37 7.47 -2.86
CA ASN A 555 -21.17 6.31 -3.71
C ASN A 555 -22.22 6.04 -4.79
N SER A 556 -23.20 6.92 -5.01
CA SER A 556 -24.23 6.73 -6.02
C SER A 556 -24.33 7.97 -6.90
N TYR A 557 -24.19 7.76 -8.14
CA TYR A 557 -24.33 8.87 -9.09
C TYR A 557 -25.76 8.90 -9.59
N PRO A 558 -26.42 10.07 -9.66
CA PRO A 558 -25.88 11.40 -9.44
C PRO A 558 -26.11 11.96 -8.03
N ARG A 559 -26.83 11.20 -7.19
CA ARG A 559 -27.22 11.67 -5.86
C ARG A 559 -26.06 12.31 -5.09
N ASP A 560 -24.93 11.61 -4.99
CA ASP A 560 -23.83 12.02 -4.12
C ASP A 560 -22.71 12.77 -4.87
N PHE A 561 -23.02 13.48 -5.95
CA PHE A 561 -21.99 14.14 -6.77
C PHE A 561 -22.30 15.62 -7.00
N VAL A 562 -21.25 16.38 -7.28
CA VAL A 562 -21.34 17.82 -7.50
C VAL A 562 -20.37 18.20 -8.60
N ASN A 563 -20.58 19.39 -9.16
CA ASN A 563 -19.63 19.93 -10.12
C ASN A 563 -18.39 20.42 -9.38
N CYS A 564 -17.25 20.42 -10.08
CA CYS A 564 -15.97 20.81 -9.46
C CYS A 564 -15.95 22.29 -9.09
N SER A 565 -16.62 23.13 -9.89
CA SER A 565 -16.95 24.52 -9.55
C SER A 565 -17.29 24.73 -8.07
N THR A 566 -18.06 23.79 -7.52
CA THR A 566 -18.55 23.87 -6.15
C THR A 566 -17.44 23.94 -5.12
N LEU A 567 -16.22 23.53 -5.49
CA LEU A 567 -15.26 23.16 -4.45
C LEU A 567 -14.15 24.19 -4.37
N PRO A 568 -13.89 24.74 -3.18
CA PRO A 568 -12.74 25.64 -3.03
C PRO A 568 -11.47 24.93 -3.44
N ALA A 569 -10.70 25.56 -4.33
CA ALA A 569 -9.34 25.11 -4.61
C ALA A 569 -8.42 25.44 -3.44
N LEU A 570 -7.27 24.78 -3.43
CA LEU A 570 -6.24 25.04 -2.43
C LEU A 570 -5.60 26.38 -2.72
N ASN A 571 -5.43 27.19 -1.68
CA ASN A 571 -4.93 28.55 -1.80
C ASN A 571 -3.49 28.58 -1.28
N LEU A 572 -2.53 28.66 -2.19
CA LEU A 572 -1.13 28.65 -1.81
C LEU A 572 -0.55 30.03 -1.52
N ALA A 573 -1.40 31.07 -1.41
CA ALA A 573 -0.88 32.42 -1.21
C ALA A 573 -0.01 32.50 0.03
N SER A 574 -0.34 31.74 1.07
CA SER A 574 0.40 31.74 2.33
C SER A 574 1.84 31.25 2.17
N TRP A 575 2.22 30.80 0.98
CA TRP A 575 3.55 30.27 0.74
C TRP A 575 4.46 31.30 0.08
N ARG A 576 4.05 32.57 0.04
CA ARG A 576 4.58 33.59 -0.86
C ARG A 576 5.81 34.32 -0.29
N GLU A 577 6.69 33.64 0.44
CA GLU A 577 7.91 34.27 0.92
C GLU A 577 9.16 33.57 0.37
N ALA B 1 18.98 -0.81 -9.14
CA ALA B 1 20.18 -1.07 -9.91
C ALA B 1 20.00 -0.58 -11.35
N ASN B 2 18.88 -0.95 -11.97
CA ASN B 2 18.77 -0.92 -13.42
C ASN B 2 18.54 0.49 -13.94
N PHE B 3 19.01 0.71 -15.16
CA PHE B 3 18.72 1.93 -15.90
C PHE B 3 17.22 2.09 -16.12
N LEU B 4 16.73 3.31 -15.93
CA LEU B 4 15.32 3.59 -16.10
C LEU B 4 15.08 4.29 -17.42
N GLU B 5 13.92 3.97 -18.02
CA GLU B 5 13.62 4.44 -19.36
C GLU B 5 13.59 5.95 -19.43
N HIS B 6 13.05 6.63 -18.41
CA HIS B 6 13.00 8.08 -18.46
C HIS B 6 14.36 8.72 -18.34
N GLU B 7 15.37 7.97 -17.87
CA GLU B 7 16.74 8.46 -17.82
C GLU B 7 17.36 8.53 -19.22
N LEU B 8 16.69 7.95 -20.22
CA LEU B 8 17.15 8.11 -21.59
C LEU B 8 17.02 9.55 -22.04
N SER B 9 16.05 10.29 -21.49
CA SER B 9 15.90 11.69 -21.86
C SER B 9 17.09 12.48 -21.33
N TYR B 10 17.57 12.11 -20.14
CA TYR B 10 18.78 12.73 -19.61
C TYR B 10 19.95 12.59 -20.59
N ILE B 11 20.10 11.43 -21.23
CA ILE B 11 21.15 11.25 -22.22
C ILE B 11 20.96 12.19 -23.40
N ASP B 12 19.72 12.34 -23.89
CA ASP B 12 19.46 13.31 -24.95
C ASP B 12 19.92 14.71 -24.55
N VAL B 13 19.82 15.06 -23.26
CA VAL B 13 20.22 16.39 -22.77
C VAL B 13 21.73 16.53 -22.67
N LEU B 14 22.44 15.49 -22.25
CA LEU B 14 23.89 15.55 -22.28
C LEU B 14 24.42 15.69 -23.70
N LEU B 15 23.68 15.21 -24.70
CA LEU B 15 24.10 15.23 -26.08
C LEU B 15 23.48 16.38 -26.88
N ASP B 16 22.96 17.39 -26.20
CA ASP B 16 22.33 18.53 -26.85
C ASP B 16 23.32 19.68 -26.83
N LYS B 17 23.89 19.99 -28.01
CA LYS B 17 24.95 20.97 -28.11
C LYS B 17 24.58 22.29 -27.44
N ASN B 18 23.33 22.74 -27.62
CA ASN B 18 22.89 24.03 -27.10
C ASN B 18 22.23 23.91 -25.73
N ALA B 19 22.48 22.83 -25.00
CA ALA B 19 21.90 22.67 -23.68
C ALA B 19 22.81 23.25 -22.62
N ASP B 20 22.24 24.10 -21.79
CA ASP B 20 22.93 24.74 -20.68
C ASP B 20 23.95 23.80 -20.02
N GLN B 21 25.22 24.20 -20.05
CA GLN B 21 26.29 23.35 -19.49
C GLN B 21 26.12 23.14 -18.00
N ALA B 22 25.50 24.11 -17.31
CA ALA B 22 25.17 23.90 -15.90
C ALA B 22 24.19 22.76 -15.72
N THR B 23 23.28 22.59 -16.70
CA THR B 23 22.30 21.50 -16.61
C THR B 23 22.96 20.17 -16.94
N LYS B 24 23.79 20.11 -17.98
CA LYS B 24 24.53 18.88 -18.21
C LYS B 24 25.32 18.48 -16.98
N ASP B 25 25.86 19.44 -16.23
CA ASP B 25 26.74 19.08 -15.11
C ASP B 25 25.95 18.50 -13.95
N ASN B 26 24.73 19.00 -13.69
CA ASN B 26 23.89 18.38 -12.68
C ASN B 26 23.51 16.96 -13.08
N LEU B 27 23.27 16.74 -14.38
CA LEU B 27 22.95 15.39 -14.84
C LEU B 27 24.15 14.48 -14.72
N ARG B 28 25.36 14.98 -15.00
CA ARG B 28 26.56 14.17 -14.86
C ARG B 28 26.85 13.85 -13.41
N SER B 29 26.54 14.79 -12.50
CA SER B 29 26.71 14.50 -11.08
C SER B 29 25.70 13.45 -10.61
N TYR B 30 24.48 13.51 -11.16
CA TYR B 30 23.46 12.50 -10.86
C TYR B 30 23.94 11.14 -11.32
N PHE B 31 24.43 11.06 -12.55
CA PHE B 31 24.91 9.77 -13.03
C PHE B 31 26.18 9.35 -12.31
N ALA B 32 27.06 10.28 -11.94
CA ALA B 32 28.25 9.88 -11.20
C ALA B 32 27.85 9.19 -9.90
N ASP B 33 26.91 9.77 -9.16
CA ASP B 33 26.51 9.15 -7.90
C ASP B 33 25.97 7.74 -8.10
N LYS B 34 25.64 7.34 -9.34
CA LYS B 34 25.21 6.00 -9.72
C LYS B 34 26.33 5.10 -10.25
N GLY B 35 27.58 5.55 -10.25
CA GLY B 35 28.69 4.75 -10.77
C GLY B 35 28.91 4.86 -12.26
N LEU B 36 28.26 5.80 -12.92
CA LEU B 36 28.36 5.99 -14.36
C LEU B 36 29.06 7.32 -14.59
N HIS B 37 30.30 7.26 -15.07
CA HIS B 37 31.18 8.42 -15.04
C HIS B 37 31.36 9.07 -16.42
N SER B 38 31.70 8.30 -17.45
CA SER B 38 31.76 8.83 -18.81
C SER B 38 30.42 8.66 -19.52
N ILE B 39 30.24 9.42 -20.61
CA ILE B 39 29.05 9.25 -21.42
C ILE B 39 28.89 7.79 -21.78
N LYS B 40 30.00 7.12 -22.07
CA LYS B 40 29.94 5.75 -22.55
C LYS B 40 29.59 4.78 -21.44
N ASP B 41 29.93 5.11 -20.20
CA ASP B 41 29.42 4.30 -19.09
C ASP B 41 27.90 4.41 -19.01
N ILE B 42 27.36 5.59 -19.29
CA ILE B 42 25.93 5.81 -19.15
C ILE B 42 25.19 5.01 -20.22
N ILE B 43 25.53 5.28 -21.48
CA ILE B 43 24.97 4.52 -22.61
C ILE B 43 25.08 3.02 -22.37
N ASN B 44 26.29 2.54 -22.04
CA ASN B 44 26.50 1.09 -21.94
C ASN B 44 25.61 0.47 -20.87
N LYS B 45 25.34 1.20 -19.79
CA LYS B 45 24.43 0.71 -18.77
C LYS B 45 23.01 0.65 -19.30
N ALA B 46 22.54 1.76 -19.87
CA ALA B 46 21.27 1.78 -20.60
C ALA B 46 21.13 0.57 -21.51
N LYS B 47 22.17 0.25 -22.28
CA LYS B 47 22.08 -0.85 -23.24
C LYS B 47 22.05 -2.20 -22.52
N GLN B 48 22.93 -2.37 -21.55
CA GLN B 48 23.01 -3.59 -20.77
C GLN B 48 21.66 -3.90 -20.13
N ASP B 49 20.87 -2.87 -19.83
CA ASP B 49 19.62 -3.04 -19.09
C ASP B 49 18.39 -3.01 -20.00
N GLY B 50 18.57 -3.18 -21.31
CA GLY B 50 17.47 -3.52 -22.20
C GLY B 50 17.01 -2.43 -23.16
N PHE B 51 17.76 -1.34 -23.30
CA PHE B 51 17.31 -0.24 -24.15
C PHE B 51 18.17 -0.14 -25.41
N ASP B 52 17.53 0.35 -26.46
CA ASP B 52 18.20 0.60 -27.73
C ASP B 52 18.94 1.93 -27.63
N VAL B 53 20.22 1.92 -27.98
CA VAL B 53 21.08 3.09 -27.86
C VAL B 53 21.72 3.51 -29.17
N SER B 54 21.54 2.74 -30.25
CA SER B 54 21.66 3.33 -31.57
C SER B 54 20.96 4.66 -31.58
N LYS B 55 21.62 5.67 -32.13
CA LYS B 55 21.21 7.07 -32.02
C LYS B 55 22.23 7.81 -31.20
N TYR B 56 22.99 7.07 -30.39
CA TYR B 56 24.08 7.63 -29.60
C TYR B 56 25.37 7.05 -30.17
N GLU B 57 25.86 7.67 -31.26
CA GLU B 57 27.14 7.30 -31.92
C GLU B 57 27.34 5.79 -32.11
#